data_3HM1
#
_entry.id   3HM1
#
_cell.length_a   56.267
_cell.length_b   82.666
_cell.length_c   58.989
_cell.angle_alpha   90.00
_cell.angle_beta   109.18
_cell.angle_gamma   90.00
#
_symmetry.space_group_name_H-M   'P 1 21 1'
#
loop_
_entity.id
_entity.type
_entity.pdbx_description
1 polymer 'Estrogen receptor'
2 polymer 'Nuclear receptor coactivator 2'
3 non-polymer (9beta,13alpha)-3-hydroxyestra-1,3,5(10)-trien-17-one
4 water water
#
loop_
_entity_poly.entity_id
_entity_poly.type
_entity_poly.pdbx_seq_one_letter_code
_entity_poly.pdbx_strand_id
1 'polypeptide(L)'
;IKRSKKNSLALSLTADQMVSALLDAEPPILYSEYDPTRPFSEASMMGLLTNLADRELVHMINWAKRVPGFVDLTLHDQVH
LLE(CME)AWLEILMIGLVWRSMEHPGKLLFAPNLLLDRNQGK(CME)VEGMVEIFDMLLATSSRFRMMNLQGEEFVCLK
SIILLNSGVYTFLSSTLKSLEEKDHIHRVLDKITDTLIHLMAKAGLTLQQQHQRLAQLLLILSHIRHMSNKGMEHLYSMK
(CME)KNVVPLSDLLLEMLDAHRLH
;
A,B
2 'polypeptide(L)' KHKILHRLLQDSS C,D
#
loop_
_chem_comp.id
_chem_comp.type
_chem_comp.name
_chem_comp.formula
J3Z non-polymer (9beta,13alpha)-3-hydroxyestra-1,3,5(10)-trien-17-one 'C18 H22 O2'
#
# COMPACT_ATOMS: atom_id res chain seq x y z
N LEU A 9 -26.02 -4.04 -13.37
CA LEU A 9 -26.62 -2.71 -13.35
C LEU A 9 -25.69 -1.68 -12.71
N ALA A 10 -24.61 -2.17 -12.10
CA ALA A 10 -23.72 -1.31 -11.33
C ALA A 10 -22.91 -0.35 -12.21
N LEU A 11 -22.62 -0.78 -13.44
CA LEU A 11 -21.84 0.06 -14.36
C LEU A 11 -22.69 1.15 -14.99
N SER A 12 -24.00 1.09 -14.78
CA SER A 12 -24.90 2.04 -15.42
C SER A 12 -25.50 3.05 -14.45
N LEU A 13 -25.05 3.02 -13.20
CA LEU A 13 -25.48 4.02 -12.22
C LEU A 13 -24.79 5.36 -12.46
N THR A 14 -25.45 6.45 -12.07
CA THR A 14 -24.87 7.78 -12.21
C THR A 14 -23.95 8.04 -11.02
N ALA A 15 -23.00 8.95 -11.19
CA ALA A 15 -22.16 9.34 -10.07
C ALA A 15 -23.04 9.63 -8.85
N ASP A 16 -24.01 10.51 -9.02
CA ASP A 16 -24.90 10.89 -7.92
C ASP A 16 -25.45 9.70 -7.16
N GLN A 17 -26.00 8.73 -7.88
CA GLN A 17 -26.64 7.59 -7.23
C GLN A 17 -25.64 6.49 -6.89
N MET A 18 -24.40 6.66 -7.34
CA MET A 18 -23.31 5.81 -6.90
C MET A 18 -23.02 6.22 -5.48
N VAL A 19 -22.84 7.52 -5.30
CA VAL A 19 -22.65 8.16 -4.00
C VAL A 19 -23.82 7.86 -3.07
N SER A 20 -25.03 8.01 -3.60
CA SER A 20 -26.25 7.84 -2.83
C SER A 20 -26.33 6.42 -2.26
N ALA A 21 -26.05 5.42 -3.10
CA ALA A 21 -26.15 4.03 -2.69
C ALA A 21 -25.12 3.66 -1.63
N LEU A 22 -23.98 4.32 -1.69
CA LEU A 22 -22.87 4.06 -0.77
C LEU A 22 -23.12 4.71 0.59
N LEU A 23 -23.48 5.99 0.59
CA LEU A 23 -23.88 6.69 1.81
C LEU A 23 -25.01 5.98 2.54
N ASP A 24 -25.77 5.20 1.79
CA ASP A 24 -26.96 4.57 2.33
C ASP A 24 -26.66 3.13 2.73
N ALA A 25 -25.50 2.64 2.31
CA ALA A 25 -25.05 1.29 2.67
C ALA A 25 -24.19 1.30 3.94
N GLU A 26 -23.72 2.48 4.30
CA GLU A 26 -22.90 2.71 5.50
C GLU A 26 -23.31 1.89 6.73
N PRO A 27 -22.33 1.25 7.39
CA PRO A 27 -22.55 0.52 8.64
C PRO A 27 -22.79 1.47 9.81
N PRO A 28 -23.53 1.02 10.83
CA PRO A 28 -23.76 1.78 12.05
C PRO A 28 -22.49 1.96 12.87
N ILE A 29 -22.40 3.03 13.63
CA ILE A 29 -21.26 3.21 14.54
C ILE A 29 -21.53 2.43 15.82
N LEU A 30 -20.73 1.39 16.06
CA LEU A 30 -20.98 0.54 17.21
C LEU A 30 -20.37 1.11 18.49
N TYR A 31 -20.78 0.55 19.61
CA TYR A 31 -20.27 1.00 20.90
C TYR A 31 -19.32 -0.04 21.46
N SER A 32 -18.51 0.36 22.42
CA SER A 32 -17.65 -0.57 23.14
C SER A 32 -18.33 -0.94 24.44
N GLU A 33 -18.11 -2.14 24.94
CA GLU A 33 -18.64 -2.51 26.24
C GLU A 33 -17.60 -2.27 27.32
N TYR A 34 -16.89 -1.16 27.16
CA TYR A 34 -15.89 -0.71 28.12
C TYR A 34 -16.56 -0.17 29.39
N ASP A 35 -15.98 -0.52 30.54
CA ASP A 35 -16.51 -0.07 31.83
C ASP A 35 -15.57 0.97 32.42
N PRO A 36 -15.93 2.25 32.31
CA PRO A 36 -15.10 3.38 32.75
C PRO A 36 -14.81 3.33 34.25
N THR A 37 -15.14 2.23 34.91
CA THR A 37 -14.90 2.12 36.35
C THR A 37 -13.66 1.29 36.67
N ARG A 38 -13.31 0.33 35.80
CA ARG A 38 -12.11 -0.46 36.03
C ARG A 38 -11.04 -0.25 34.95
N PRO A 39 -9.87 0.23 35.39
CA PRO A 39 -8.72 0.67 34.57
C PRO A 39 -8.16 -0.37 33.59
N PHE A 40 -7.30 0.09 32.70
CA PHE A 40 -6.79 -0.73 31.62
C PHE A 40 -5.72 -1.73 32.04
N SER A 41 -5.67 -2.82 31.28
CA SER A 41 -4.51 -3.70 31.25
C SER A 41 -4.33 -4.02 29.77
N GLU A 42 -3.17 -4.58 29.42
CA GLU A 42 -2.93 -4.98 28.04
C GLU A 42 -4.09 -5.86 27.54
N ALA A 43 -4.47 -6.82 28.37
CA ALA A 43 -5.42 -7.85 27.98
C ALA A 43 -6.86 -7.38 27.90
N SER A 44 -7.21 -6.41 28.75
CA SER A 44 -8.55 -5.88 28.74
C SER A 44 -8.76 -4.92 27.56
N MET A 45 -7.74 -4.13 27.25
CA MET A 45 -7.84 -3.16 26.18
C MET A 45 -7.88 -3.84 24.82
N MET A 46 -7.09 -4.90 24.69
CA MET A 46 -7.05 -5.69 23.46
C MET A 46 -8.33 -6.49 23.30
N GLY A 47 -8.82 -7.02 24.41
CA GLY A 47 -10.06 -7.77 24.40
C GLY A 47 -11.18 -6.88 23.89
N LEU A 48 -11.10 -5.61 24.30
CA LEU A 48 -12.11 -4.63 23.95
C LEU A 48 -12.05 -4.28 22.47
N LEU A 49 -10.84 -4.28 21.92
CA LEU A 49 -10.63 -3.97 20.51
C LEU A 49 -11.05 -5.11 19.58
N THR A 50 -10.72 -6.34 19.94
CA THR A 50 -11.01 -7.49 19.08
C THR A 50 -12.44 -7.94 19.21
N ASN A 51 -13.07 -7.64 20.34
CA ASN A 51 -14.50 -7.79 20.46
C ASN A 51 -15.18 -6.81 19.51
N LEU A 52 -14.79 -5.54 19.58
CA LEU A 52 -15.38 -4.51 18.75
C LEU A 52 -15.25 -4.80 17.27
N ALA A 53 -14.11 -5.37 16.89
CA ALA A 53 -13.83 -5.69 15.49
C ALA A 53 -14.68 -6.86 15.01
N ASP A 54 -14.87 -7.85 15.87
CA ASP A 54 -15.70 -9.00 15.51
C ASP A 54 -17.10 -8.56 15.15
N ARG A 55 -17.58 -7.52 15.83
CA ARG A 55 -18.93 -7.05 15.60
C ARG A 55 -19.01 -6.18 14.35
N GLU A 56 -18.11 -5.20 14.23
CA GLU A 56 -18.02 -4.40 13.02
C GLU A 56 -17.88 -5.30 11.82
N LEU A 57 -17.25 -6.45 12.02
CA LEU A 57 -16.94 -7.36 10.94
C LEU A 57 -18.24 -7.85 10.29
N VAL A 58 -19.17 -8.35 11.10
CA VAL A 58 -20.44 -8.82 10.57
C VAL A 58 -21.27 -7.72 9.89
N HIS A 59 -21.09 -6.48 10.32
CA HIS A 59 -21.75 -5.36 9.62
C HIS A 59 -21.07 -5.11 8.29
N MET A 60 -19.74 -5.08 8.32
CA MET A 60 -18.95 -4.91 7.10
C MET A 60 -19.41 -5.85 6.00
N ILE A 61 -19.60 -7.12 6.35
CA ILE A 61 -20.00 -8.13 5.37
C ILE A 61 -21.30 -7.74 4.68
N ASN A 62 -22.24 -7.19 5.44
CA ASN A 62 -23.49 -6.73 4.85
C ASN A 62 -23.30 -5.47 4.02
N TRP A 63 -22.41 -4.59 4.47
CA TRP A 63 -22.15 -3.38 3.73
C TRP A 63 -21.55 -3.71 2.37
N ALA A 64 -20.58 -4.63 2.37
CA ALA A 64 -19.94 -5.08 1.14
C ALA A 64 -20.97 -5.64 0.16
N LYS A 65 -21.97 -6.33 0.69
CA LYS A 65 -23.06 -6.86 -0.14
C LYS A 65 -23.79 -5.74 -0.86
N ARG A 66 -23.69 -4.53 -0.31
CA ARG A 66 -24.46 -3.41 -0.80
C ARG A 66 -23.57 -2.40 -1.52
N VAL A 67 -22.28 -2.70 -1.61
CA VAL A 67 -21.43 -2.00 -2.56
C VAL A 67 -21.82 -2.46 -3.95
N PRO A 68 -22.09 -1.53 -4.86
CA PRO A 68 -22.49 -1.92 -6.22
C PRO A 68 -21.43 -2.74 -6.91
N GLY A 69 -21.84 -3.82 -7.56
CA GLY A 69 -20.94 -4.66 -8.32
C GLY A 69 -20.43 -5.85 -7.54
N PHE A 70 -20.50 -5.76 -6.22
CA PHE A 70 -19.93 -6.80 -5.37
C PHE A 70 -20.59 -8.17 -5.57
N VAL A 71 -21.91 -8.22 -5.44
CA VAL A 71 -22.64 -9.50 -5.59
C VAL A 71 -22.70 -9.98 -7.04
N ASP A 72 -22.12 -9.22 -7.95
CA ASP A 72 -21.92 -9.69 -9.32
C ASP A 72 -20.81 -10.72 -9.32
N LEU A 73 -19.88 -10.58 -8.36
CA LEU A 73 -18.72 -11.45 -8.27
C LEU A 73 -19.03 -12.79 -7.59
N THR A 74 -18.39 -13.84 -8.07
CA THR A 74 -18.51 -15.17 -7.48
C THR A 74 -18.32 -15.09 -5.97
N LEU A 75 -18.95 -16.01 -5.24
CA LEU A 75 -18.87 -16.01 -3.79
C LEU A 75 -17.44 -16.28 -3.34
N HIS A 76 -16.75 -17.14 -4.09
CA HIS A 76 -15.34 -17.41 -3.87
C HIS A 76 -14.50 -16.13 -4.02
N ASP A 77 -14.89 -15.27 -4.94
CA ASP A 77 -14.20 -13.99 -5.14
C ASP A 77 -14.56 -12.98 -4.05
N GLN A 78 -15.84 -12.94 -3.69
CA GLN A 78 -16.30 -12.06 -2.63
C GLN A 78 -15.56 -12.32 -1.32
N VAL A 79 -15.37 -13.60 -1.00
CA VAL A 79 -14.62 -13.99 0.18
C VAL A 79 -13.17 -13.49 0.14
N HIS A 80 -12.51 -13.77 -0.97
CA HIS A 80 -11.12 -13.38 -1.14
C HIS A 80 -10.94 -11.88 -0.97
N LEU A 81 -11.89 -11.10 -1.49
CA LEU A 81 -11.84 -9.65 -1.37
C LEU A 81 -11.97 -9.18 0.07
N LEU A 82 -12.93 -9.76 0.78
CA LEU A 82 -13.19 -9.38 2.17
C LEU A 82 -12.04 -9.82 3.05
N GLU A 83 -11.50 -10.99 2.74
CA GLU A 83 -10.33 -11.51 3.44
C GLU A 83 -9.10 -10.61 3.33
N CME A 84 -8.89 -9.98 2.18
CA CME A 84 -7.72 -9.10 2.01
CB CME A 84 -7.31 -8.97 0.55
SG CME A 84 -6.90 -10.56 -0.26
SD CME A 84 -5.70 -11.46 1.12
CE CME A 84 -3.98 -10.94 0.77
CZ CME A 84 -2.99 -11.51 1.76
OH CME A 84 -1.63 -11.09 1.44
C CME A 84 -7.98 -7.70 2.58
O CME A 84 -7.10 -7.07 3.15
N ALA A 85 -9.21 -7.23 2.41
CA ALA A 85 -9.52 -5.83 2.68
C ALA A 85 -9.92 -5.55 4.12
N TRP A 86 -10.43 -6.58 4.80
CA TRP A 86 -11.20 -6.38 6.02
C TRP A 86 -10.57 -5.44 7.06
N LEU A 87 -9.28 -5.62 7.33
CA LEU A 87 -8.62 -4.81 8.36
C LEU A 87 -8.37 -3.40 7.86
N GLU A 88 -7.95 -3.32 6.60
CA GLU A 88 -7.81 -2.05 5.89
C GLU A 88 -9.10 -1.23 5.99
N ILE A 89 -10.23 -1.85 5.70
CA ILE A 89 -11.54 -1.19 5.82
C ILE A 89 -11.81 -0.76 7.25
N LEU A 90 -11.50 -1.64 8.19
CA LEU A 90 -11.69 -1.33 9.60
C LEU A 90 -10.92 -0.07 9.92
N MET A 91 -9.67 -0.03 9.47
CA MET A 91 -8.75 1.05 9.80
C MET A 91 -9.15 2.39 9.22
N ILE A 92 -9.60 2.39 7.96
CA ILE A 92 -10.03 3.65 7.38
C ILE A 92 -11.28 4.16 8.10
N GLY A 93 -12.18 3.24 8.44
CA GLY A 93 -13.34 3.59 9.25
C GLY A 93 -12.95 4.30 10.53
N LEU A 94 -11.98 3.72 11.23
CA LEU A 94 -11.45 4.30 12.46
C LEU A 94 -10.85 5.69 12.23
N VAL A 95 -10.09 5.84 11.16
CA VAL A 95 -9.42 7.09 10.84
C VAL A 95 -10.45 8.17 10.47
N TRP A 96 -11.44 7.78 9.68
CA TRP A 96 -12.51 8.68 9.29
C TRP A 96 -13.14 9.35 10.48
N ARG A 97 -13.67 8.55 11.41
CA ARG A 97 -14.46 9.10 12.51
C ARG A 97 -13.61 9.59 13.67
N SER A 98 -12.30 9.43 13.56
CA SER A 98 -11.39 9.99 14.55
C SER A 98 -10.89 11.33 14.04
N MET A 99 -11.38 11.68 12.86
CA MET A 99 -10.87 12.80 12.10
C MET A 99 -10.86 14.13 12.84
N GLU A 100 -11.93 14.45 13.57
CA GLU A 100 -11.92 15.71 14.29
C GLU A 100 -11.84 15.54 15.81
N HIS A 101 -11.07 14.54 16.22
CA HIS A 101 -10.65 14.40 17.61
C HIS A 101 -9.12 14.34 17.59
N PRO A 102 -8.47 15.47 17.28
CA PRO A 102 -7.02 15.49 17.12
C PRO A 102 -6.29 14.72 18.22
N GLY A 103 -5.33 13.88 17.83
CA GLY A 103 -4.49 13.17 18.78
C GLY A 103 -5.08 11.92 19.42
N LYS A 104 -6.28 11.52 19.00
CA LYS A 104 -6.96 10.38 19.60
C LYS A 104 -7.62 9.51 18.55
N LEU A 105 -7.94 8.27 18.92
CA LEU A 105 -8.64 7.35 18.03
C LEU A 105 -10.01 6.97 18.59
N LEU A 106 -11.08 7.38 17.92
CA LEU A 106 -12.43 7.07 18.35
C LEU A 106 -12.80 5.66 17.87
N PHE A 107 -12.34 4.68 18.63
CA PHE A 107 -12.63 3.28 18.35
C PHE A 107 -14.11 3.03 18.52
N ALA A 108 -14.70 3.70 19.50
CA ALA A 108 -16.13 3.66 19.75
C ALA A 108 -16.50 4.95 20.45
N PRO A 109 -17.75 5.42 20.29
CA PRO A 109 -18.13 6.66 20.98
C PRO A 109 -17.71 6.66 22.44
N ASN A 110 -17.78 5.51 23.11
CA ASN A 110 -17.37 5.44 24.51
C ASN A 110 -15.98 4.85 24.70
N LEU A 111 -15.19 4.83 23.63
CA LEU A 111 -13.83 4.34 23.71
C LEU A 111 -12.90 5.12 22.78
N LEU A 112 -12.55 6.33 23.20
CA LEU A 112 -11.60 7.15 22.47
C LEU A 112 -10.25 7.16 23.18
N LEU A 113 -9.26 6.52 22.54
CA LEU A 113 -7.96 6.27 23.14
C LEU A 113 -6.88 7.25 22.69
N ASP A 114 -6.27 7.95 23.64
CA ASP A 114 -5.19 8.87 23.34
C ASP A 114 -3.92 8.11 22.98
N ARG A 115 -3.01 8.79 22.30
CA ARG A 115 -1.79 8.18 21.81
C ARG A 115 -1.02 7.44 22.92
N ASN A 116 -1.07 7.96 24.14
CA ASN A 116 -0.44 7.32 25.28
C ASN A 116 -1.06 5.99 25.70
N GLN A 117 -2.40 5.92 25.67
CA GLN A 117 -3.11 4.72 26.07
C GLN A 117 -2.74 3.57 25.14
N GLY A 118 -2.04 3.89 24.06
CA GLY A 118 -1.54 2.87 23.16
C GLY A 118 -0.48 2.01 23.80
N LYS A 119 0.07 2.45 24.93
CA LYS A 119 1.19 1.77 25.58
C LYS A 119 0.78 0.61 26.50
N CME A 120 -0.40 0.70 27.10
CA CME A 120 -1.06 -0.44 27.78
CB CME A 120 -2.54 -0.14 27.60
SG CME A 120 -3.31 0.91 28.86
SD CME A 120 -1.95 1.78 30.10
CE CME A 120 -1.44 3.38 29.50
CZ CME A 120 -0.60 4.18 30.53
OH CME A 120 0.59 3.47 30.97
C CME A 120 -0.66 -1.69 26.97
O CME A 120 -0.21 -2.67 27.56
N VAL A 121 -0.86 -1.71 25.66
CA VAL A 121 -0.51 -2.90 24.90
C VAL A 121 0.83 -2.81 24.18
N GLU A 122 1.69 -3.78 24.44
CA GLU A 122 3.03 -3.77 23.88
C GLU A 122 3.00 -3.93 22.36
N GLY A 123 3.65 -3.01 21.66
CA GLY A 123 3.71 -3.02 20.21
C GLY A 123 2.59 -2.24 19.52
N MET A 124 1.61 -1.79 20.30
CA MET A 124 0.45 -1.10 19.73
C MET A 124 0.68 0.39 19.48
N VAL A 125 1.54 1.02 20.28
CA VAL A 125 1.80 2.46 20.16
C VAL A 125 2.21 2.87 18.75
N GLU A 126 3.04 2.02 18.14
CA GLU A 126 3.56 2.22 16.79
C GLU A 126 2.42 2.27 15.75
N ILE A 127 1.55 1.27 15.80
CA ILE A 127 0.39 1.21 14.91
C ILE A 127 -0.60 2.36 15.17
N PHE A 128 -0.72 2.76 16.43
CA PHE A 128 -1.54 3.91 16.80
C PHE A 128 -1.06 5.18 16.11
N ASP A 129 0.24 5.43 16.22
CA ASP A 129 0.89 6.60 15.64
C ASP A 129 0.66 6.72 14.13
N MET A 130 0.68 5.59 13.42
CA MET A 130 0.42 5.61 11.99
C MET A 130 -1.06 5.90 11.69
N LEU A 131 -1.94 5.40 12.55
CA LEU A 131 -3.37 5.67 12.43
C LEU A 131 -3.69 7.14 12.66
N LEU A 132 -3.10 7.74 13.70
CA LEU A 132 -3.38 9.14 13.99
C LEU A 132 -2.77 10.06 12.92
N ALA A 133 -1.61 9.68 12.41
CA ALA A 133 -0.99 10.39 11.30
C ALA A 133 -2.01 10.52 10.16
N THR A 134 -2.55 9.38 9.74
CA THR A 134 -3.50 9.33 8.63
C THR A 134 -4.73 10.17 8.92
N SER A 135 -5.17 10.14 10.17
CA SER A 135 -6.32 10.91 10.60
C SER A 135 -5.97 12.39 10.52
N SER A 136 -4.72 12.70 10.85
CA SER A 136 -4.20 14.06 10.69
C SER A 136 -4.14 14.46 9.22
N ARG A 137 -4.10 13.48 8.31
CA ARG A 137 -4.06 13.78 6.89
C ARG A 137 -5.45 14.08 6.34
N PHE A 138 -6.38 13.14 6.55
CA PHE A 138 -7.77 13.32 6.18
C PHE A 138 -8.29 14.71 6.58
N ARG A 139 -8.02 15.10 7.83
CA ARG A 139 -8.43 16.40 8.36
C ARG A 139 -7.72 17.54 7.63
N MET A 140 -6.44 17.34 7.35
CA MET A 140 -5.64 18.33 6.65
C MET A 140 -6.27 18.62 5.29
N MET A 141 -6.56 17.57 4.53
CA MET A 141 -7.21 17.71 3.24
C MET A 141 -8.70 17.98 3.36
N ASN A 142 -9.21 17.98 4.58
CA ASN A 142 -10.65 18.10 4.80
C ASN A 142 -11.41 17.12 3.93
N LEU A 143 -11.16 15.84 4.14
CA LEU A 143 -11.86 14.79 3.43
C LEU A 143 -13.35 14.93 3.68
N GLN A 144 -14.15 14.57 2.69
CA GLN A 144 -15.61 14.64 2.79
C GLN A 144 -16.19 13.23 2.81
N GLY A 145 -17.32 13.06 3.48
CA GLY A 145 -17.94 11.76 3.64
C GLY A 145 -18.27 11.07 2.34
N GLU A 146 -18.56 11.86 1.30
CA GLU A 146 -18.83 11.31 -0.02
C GLU A 146 -17.56 10.73 -0.66
N GLU A 147 -16.43 11.40 -0.45
CA GLU A 147 -15.14 10.88 -0.89
C GLU A 147 -14.78 9.66 -0.08
N PHE A 148 -15.04 9.74 1.22
CA PHE A 148 -14.73 8.66 2.13
C PHE A 148 -15.38 7.35 1.69
N VAL A 149 -16.66 7.39 1.36
CA VAL A 149 -17.36 6.15 1.05
C VAL A 149 -16.85 5.56 -0.25
N CYS A 150 -16.29 6.42 -1.10
CA CYS A 150 -15.62 5.94 -2.31
C CYS A 150 -14.30 5.24 -1.95
N LEU A 151 -13.44 5.91 -1.17
CA LEU A 151 -12.16 5.31 -0.79
C LEU A 151 -12.40 3.91 -0.26
N LYS A 152 -13.21 3.82 0.78
CA LYS A 152 -13.63 2.56 1.39
C LYS A 152 -14.04 1.50 0.38
N SER A 153 -14.92 1.87 -0.55
CA SER A 153 -15.37 0.93 -1.58
C SER A 153 -14.20 0.53 -2.47
N ILE A 154 -13.33 1.48 -2.76
CA ILE A 154 -12.17 1.21 -3.60
C ILE A 154 -11.27 0.18 -2.92
N ILE A 155 -11.02 0.36 -1.63
CA ILE A 155 -10.22 -0.61 -0.87
C ILE A 155 -10.79 -2.01 -0.99
N LEU A 156 -12.10 -2.13 -0.83
CA LEU A 156 -12.76 -3.42 -0.89
C LEU A 156 -12.50 -4.11 -2.22
N LEU A 157 -12.50 -3.33 -3.30
CA LEU A 157 -12.46 -3.88 -4.65
C LEU A 157 -11.04 -4.02 -5.18
N ASN A 158 -10.14 -3.13 -4.74
CA ASN A 158 -8.77 -3.09 -5.21
C ASN A 158 -7.86 -4.08 -4.50
N SER A 159 -8.00 -4.16 -3.18
CA SER A 159 -7.00 -4.82 -2.33
C SER A 159 -6.68 -6.27 -2.69
N GLY A 160 -7.65 -7.02 -3.21
CA GLY A 160 -7.43 -8.42 -3.46
C GLY A 160 -7.51 -8.86 -4.92
N VAL A 161 -7.64 -7.90 -5.82
CA VAL A 161 -7.95 -8.20 -7.21
C VAL A 161 -6.77 -8.83 -7.96
N TYR A 162 -5.55 -8.51 -7.53
CA TYR A 162 -4.34 -8.97 -8.22
C TYR A 162 -3.87 -10.33 -7.71
N THR A 163 -4.43 -10.79 -6.60
CA THR A 163 -4.10 -12.11 -6.07
C THR A 163 -5.21 -13.14 -6.33
N PHE A 164 -5.84 -13.06 -7.50
CA PHE A 164 -6.82 -14.08 -7.91
C PHE A 164 -6.12 -15.25 -8.59
N GLU A 173 -12.01 -13.11 -17.53
CA GLU A 173 -11.80 -12.91 -16.12
C GLU A 173 -12.76 -11.84 -15.61
N GLU A 174 -13.05 -11.85 -14.31
CA GLU A 174 -13.88 -10.82 -13.67
C GLU A 174 -13.00 -9.75 -13.07
N LYS A 175 -11.69 -9.94 -13.19
CA LYS A 175 -10.73 -8.92 -12.82
C LYS A 175 -11.09 -7.66 -13.59
N ASP A 176 -11.50 -7.87 -14.84
CA ASP A 176 -11.93 -6.77 -15.70
C ASP A 176 -13.19 -6.10 -15.14
N HIS A 177 -14.23 -6.89 -14.93
CA HIS A 177 -15.45 -6.36 -14.35
C HIS A 177 -15.13 -5.53 -13.12
N ILE A 178 -14.26 -6.06 -12.25
CA ILE A 178 -13.88 -5.34 -11.04
C ILE A 178 -13.21 -4.02 -11.38
N HIS A 179 -12.29 -4.05 -12.32
CA HIS A 179 -11.61 -2.83 -12.76
C HIS A 179 -12.61 -1.86 -13.39
N ARG A 180 -13.56 -2.41 -14.15
CA ARG A 180 -14.62 -1.60 -14.73
C ARG A 180 -15.42 -0.82 -13.68
N VAL A 181 -15.78 -1.47 -12.58
CA VAL A 181 -16.52 -0.78 -11.53
C VAL A 181 -15.61 0.11 -10.69
N LEU A 182 -14.33 -0.22 -10.67
CA LEU A 182 -13.32 0.61 -10.00
C LEU A 182 -13.14 1.92 -10.76
N ASP A 183 -13.24 1.87 -12.09
CA ASP A 183 -13.25 3.06 -12.92
C ASP A 183 -14.50 3.93 -12.63
N LYS A 184 -15.65 3.30 -12.41
CA LYS A 184 -16.89 4.03 -12.08
C LYS A 184 -16.72 4.87 -10.82
N ILE A 185 -16.13 4.27 -9.78
CA ILE A 185 -15.91 4.98 -8.53
C ILE A 185 -14.89 6.11 -8.71
N THR A 186 -13.93 5.91 -9.61
CA THR A 186 -12.96 6.94 -9.94
C THR A 186 -13.70 8.12 -10.55
N ASP A 187 -14.49 7.80 -11.56
CA ASP A 187 -15.40 8.76 -12.17
C ASP A 187 -16.23 9.49 -11.11
N THR A 188 -16.72 8.73 -10.13
CA THR A 188 -17.55 9.30 -9.06
C THR A 188 -16.75 10.29 -8.23
N LEU A 189 -15.53 9.89 -7.86
CA LEU A 189 -14.60 10.74 -7.11
C LEU A 189 -14.37 12.08 -7.78
N ILE A 190 -14.05 12.05 -9.07
CA ILE A 190 -13.85 13.28 -9.82
C ILE A 190 -15.14 14.11 -9.96
N HIS A 191 -16.26 13.46 -10.28
CA HIS A 191 -17.54 14.17 -10.26
C HIS A 191 -17.68 14.98 -8.98
N LEU A 192 -17.43 14.33 -7.84
CA LEU A 192 -17.54 15.00 -6.57
C LEU A 192 -16.58 16.19 -6.43
N MET A 193 -15.45 16.13 -7.12
CA MET A 193 -14.44 17.20 -7.02
C MET A 193 -14.76 18.35 -7.98
N ALA A 194 -15.24 18.01 -9.16
CA ALA A 194 -15.68 19.02 -10.12
C ALA A 194 -16.85 19.80 -9.54
N LYS A 195 -17.84 19.09 -9.01
CA LYS A 195 -19.00 19.75 -8.43
C LYS A 195 -18.60 20.64 -7.26
N ALA A 196 -17.50 20.31 -6.61
CA ALA A 196 -17.02 21.08 -5.47
C ALA A 196 -16.24 22.33 -5.88
N GLY A 197 -16.02 22.48 -7.18
CA GLY A 197 -15.41 23.70 -7.72
C GLY A 197 -13.93 23.65 -8.06
N LEU A 198 -13.35 22.46 -8.17
CA LEU A 198 -11.92 22.36 -8.43
C LEU A 198 -11.58 22.42 -9.92
N THR A 199 -10.51 23.14 -10.25
CA THR A 199 -10.03 23.16 -11.63
C THR A 199 -9.66 21.73 -12.02
N LEU A 200 -9.46 21.47 -13.30
CA LEU A 200 -9.17 20.12 -13.74
C LEU A 200 -7.97 19.56 -13.01
N GLN A 201 -6.91 20.36 -12.94
CA GLN A 201 -5.65 19.89 -12.41
C GLN A 201 -5.69 19.73 -10.88
N GLN A 202 -6.56 20.50 -10.23
CA GLN A 202 -6.81 20.31 -8.81
C GLN A 202 -7.58 19.01 -8.59
N GLN A 203 -8.41 18.63 -9.56
CA GLN A 203 -9.11 17.36 -9.51
C GLN A 203 -8.11 16.19 -9.58
N HIS A 204 -7.30 16.16 -10.62
CA HIS A 204 -6.38 15.04 -10.78
C HIS A 204 -5.33 14.99 -9.67
N GLN A 205 -4.99 16.14 -9.11
CA GLN A 205 -4.08 16.17 -7.97
C GLN A 205 -4.72 15.60 -6.71
N ARG A 206 -5.91 16.08 -6.36
CA ARG A 206 -6.60 15.58 -5.17
C ARG A 206 -6.83 14.08 -5.28
N LEU A 207 -7.40 13.66 -6.41
CA LEU A 207 -7.59 12.23 -6.68
C LEU A 207 -6.33 11.43 -6.34
N ALA A 208 -5.19 11.90 -6.84
CA ALA A 208 -3.93 11.20 -6.63
C ALA A 208 -3.57 11.19 -5.15
N GLN A 209 -3.74 12.35 -4.50
CA GLN A 209 -3.42 12.48 -3.08
C GLN A 209 -4.22 11.49 -2.23
N LEU A 210 -5.47 11.24 -2.62
CA LEU A 210 -6.29 10.32 -1.87
C LEU A 210 -5.85 8.88 -2.10
N LEU A 211 -5.55 8.56 -3.35
CA LEU A 211 -5.23 7.20 -3.72
C LEU A 211 -3.89 6.76 -3.14
N LEU A 212 -3.02 7.74 -2.89
CA LEU A 212 -1.70 7.44 -2.33
C LEU A 212 -1.78 7.14 -0.84
N ILE A 213 -2.86 7.60 -0.20
CA ILE A 213 -3.06 7.29 1.21
C ILE A 213 -3.51 5.84 1.39
N LEU A 214 -4.03 5.24 0.32
CA LEU A 214 -4.43 3.83 0.36
C LEU A 214 -3.22 2.91 0.50
N SER A 215 -2.08 3.35 0.01
CA SER A 215 -0.84 2.59 0.14
C SER A 215 -0.42 2.57 1.60
N HIS A 216 -0.56 3.71 2.28
CA HIS A 216 -0.24 3.78 3.71
C HIS A 216 -1.22 2.95 4.54
N ILE A 217 -2.50 2.97 4.15
CA ILE A 217 -3.51 2.19 4.83
C ILE A 217 -3.18 0.72 4.66
N ARG A 218 -2.68 0.36 3.48
CA ARG A 218 -2.26 -1.00 3.21
C ARG A 218 -1.11 -1.34 4.14
N HIS A 219 -0.17 -0.41 4.27
CA HIS A 219 0.96 -0.58 5.16
C HIS A 219 0.52 -0.84 6.60
N MET A 220 -0.32 0.04 7.14
CA MET A 220 -0.86 -0.15 8.49
C MET A 220 -1.54 -1.50 8.63
N SER A 221 -2.30 -1.90 7.62
CA SER A 221 -2.98 -3.18 7.67
C SER A 221 -2.00 -4.35 7.76
N ASN A 222 -0.93 -4.30 6.97
CA ASN A 222 0.12 -5.32 7.01
C ASN A 222 0.75 -5.37 8.39
N LYS A 223 0.91 -4.22 9.02
CA LYS A 223 1.53 -4.16 10.33
C LYS A 223 0.56 -4.62 11.42
N GLY A 224 -0.69 -4.19 11.31
CA GLY A 224 -1.71 -4.59 12.25
C GLY A 224 -1.95 -6.10 12.26
N MET A 225 -1.77 -6.75 11.11
CA MET A 225 -2.00 -8.19 10.99
C MET A 225 -0.91 -9.00 11.69
N GLU A 226 0.34 -8.52 11.61
CA GLU A 226 1.45 -9.18 12.28
C GLU A 226 1.31 -9.07 13.80
N HIS A 227 0.81 -7.92 14.25
CA HIS A 227 0.60 -7.72 15.70
C HIS A 227 -0.58 -8.54 16.21
N LEU A 228 -1.63 -8.64 15.41
CA LEU A 228 -2.80 -9.43 15.76
C LEU A 228 -2.38 -10.87 15.91
N TYR A 229 -1.49 -11.27 15.02
CA TYR A 229 -0.98 -12.63 14.99
C TYR A 229 -0.07 -12.98 16.17
N SER A 230 0.61 -11.98 16.72
CA SER A 230 1.48 -12.18 17.88
C SER A 230 0.69 -12.23 19.19
N MET A 231 -0.38 -11.44 19.26
CA MET A 231 -1.28 -11.47 20.41
C MET A 231 -2.02 -12.81 20.48
N LYS A 232 -2.16 -13.43 19.30
CA LYS A 232 -2.86 -14.71 19.18
C LYS A 232 -2.03 -15.89 19.66
N CME A 233 -0.79 -15.97 19.20
CA CME A 233 0.09 -17.07 19.64
CB CME A 233 1.45 -17.07 18.93
SG CME A 233 1.41 -17.15 17.09
SD CME A 233 3.35 -17.58 16.61
CE CME A 233 4.20 -15.96 16.43
CZ CME A 233 5.65 -16.06 15.98
OH CME A 233 5.71 -16.71 14.70
C CME A 233 0.38 -16.95 21.15
O CME A 233 0.48 -17.97 21.84
N LYS A 234 0.49 -15.72 21.64
CA LYS A 234 0.82 -15.49 23.04
C LYS A 234 -0.41 -15.69 23.92
N ASN A 235 -1.57 -15.83 23.28
CA ASN A 235 -2.81 -16.12 23.99
C ASN A 235 -3.17 -15.12 25.10
N VAL A 236 -2.84 -13.85 24.88
CA VAL A 236 -3.12 -12.82 25.88
C VAL A 236 -4.60 -12.43 25.87
N VAL A 237 -5.30 -12.76 24.80
CA VAL A 237 -6.73 -12.45 24.70
C VAL A 237 -7.41 -13.36 23.66
N PRO A 238 -8.64 -13.80 23.95
CA PRO A 238 -9.39 -14.70 23.07
C PRO A 238 -10.06 -13.98 21.90
N LEU A 239 -9.85 -14.51 20.70
CA LEU A 239 -10.46 -13.98 19.49
C LEU A 239 -11.64 -14.85 19.10
N SER A 240 -12.68 -14.22 18.53
CA SER A 240 -13.80 -15.00 18.03
C SER A 240 -13.34 -15.71 16.78
N ASP A 241 -13.93 -16.88 16.55
CA ASP A 241 -13.58 -17.72 15.42
C ASP A 241 -13.78 -17.00 14.09
N LEU A 242 -14.57 -15.93 14.09
CA LEU A 242 -14.76 -15.16 12.87
C LEU A 242 -13.49 -14.39 12.59
N LEU A 243 -12.92 -13.80 13.63
CA LEU A 243 -11.72 -12.99 13.51
C LEU A 243 -10.53 -13.83 13.11
N LEU A 244 -10.55 -15.08 13.54
CA LEU A 244 -9.44 -15.99 13.27
C LEU A 244 -9.50 -16.55 11.85
N GLU A 245 -10.69 -16.85 11.36
CA GLU A 245 -10.84 -17.16 9.94
C GLU A 245 -10.24 -16.02 9.14
N MET A 246 -10.68 -14.80 9.43
CA MET A 246 -10.15 -13.60 8.80
C MET A 246 -8.63 -13.53 8.89
N LEU A 247 -8.09 -13.63 10.11
CA LEU A 247 -6.65 -13.57 10.29
C LEU A 247 -5.95 -14.61 9.41
N ASP A 248 -6.27 -15.87 9.64
CA ASP A 248 -5.54 -16.99 9.02
C ASP A 248 -5.59 -17.08 7.50
N ALA A 249 -6.38 -16.23 6.87
CA ALA A 249 -6.39 -16.15 5.42
C ALA A 249 -5.17 -15.37 4.92
N HIS A 250 -4.51 -14.66 5.84
CA HIS A 250 -3.36 -13.82 5.51
C HIS A 250 -2.00 -14.51 5.57
N ARG A 251 -1.94 -15.70 6.17
CA ARG A 251 -0.73 -16.51 6.10
C ARG A 251 -1.03 -17.99 6.23
N LYS B 6 14.66 29.22 -0.26
CA LYS B 6 13.42 28.71 0.31
C LYS B 6 12.50 28.15 -0.78
N ASN B 7 13.11 27.60 -1.81
CA ASN B 7 12.41 27.18 -3.02
C ASN B 7 12.92 25.85 -3.52
N SER B 8 12.38 25.41 -4.65
CA SER B 8 12.87 24.20 -5.30
C SER B 8 12.78 24.32 -6.81
N LEU B 9 13.92 24.20 -7.48
CA LEU B 9 13.96 24.24 -8.93
C LEU B 9 13.16 23.07 -9.52
N ALA B 10 12.60 22.25 -8.62
CA ALA B 10 11.74 21.15 -9.01
C ALA B 10 10.30 21.62 -9.22
N LEU B 11 9.92 22.66 -8.50
CA LEU B 11 8.55 23.18 -8.56
C LEU B 11 8.26 24.04 -9.78
N SER B 12 9.30 24.41 -10.52
CA SER B 12 9.10 25.20 -11.73
C SER B 12 9.60 24.45 -12.97
N LEU B 13 9.94 23.18 -12.80
CA LEU B 13 10.20 22.32 -13.94
C LEU B 13 8.89 22.18 -14.71
N THR B 14 8.99 22.12 -16.03
CA THR B 14 7.82 21.79 -16.83
C THR B 14 7.63 20.29 -16.77
N ALA B 15 6.58 19.80 -17.41
CA ALA B 15 6.36 18.38 -17.51
C ALA B 15 7.55 17.73 -18.22
N ASP B 16 7.75 18.10 -19.48
CA ASP B 16 8.87 17.60 -20.28
C ASP B 16 10.21 17.54 -19.55
N GLN B 17 10.52 18.58 -18.79
CA GLN B 17 11.79 18.67 -18.08
C GLN B 17 11.85 17.66 -16.94
N MET B 18 10.68 17.36 -16.37
CA MET B 18 10.57 16.37 -15.31
C MET B 18 10.84 14.98 -15.88
N VAL B 19 10.22 14.68 -17.01
CA VAL B 19 10.38 13.39 -17.69
C VAL B 19 11.82 13.17 -18.11
N SER B 20 12.40 14.19 -18.72
CA SER B 20 13.79 14.16 -19.17
C SER B 20 14.75 13.87 -18.02
N ALA B 21 14.55 14.58 -16.91
CA ALA B 21 15.49 14.48 -15.80
C ALA B 21 15.34 13.15 -15.08
N LEU B 22 14.16 12.55 -15.17
CA LEU B 22 13.91 11.25 -14.54
C LEU B 22 14.45 10.10 -15.38
N LEU B 23 14.32 10.22 -16.70
CA LEU B 23 14.77 9.18 -17.62
C LEU B 23 16.27 9.05 -17.60
N ASP B 24 16.97 10.17 -17.52
CA ASP B 24 18.43 10.18 -17.54
C ASP B 24 19.02 9.76 -16.20
N ALA B 25 18.22 9.83 -15.15
CA ALA B 25 18.68 9.49 -13.81
C ALA B 25 18.62 7.99 -13.60
N GLU B 26 18.04 7.27 -14.55
CA GLU B 26 17.92 5.82 -14.47
C GLU B 26 19.23 5.12 -14.14
N PRO B 27 19.18 4.16 -13.20
CA PRO B 27 20.37 3.38 -12.83
C PRO B 27 20.69 2.40 -13.94
N PRO B 28 21.92 1.85 -13.95
CA PRO B 28 22.24 0.85 -14.96
C PRO B 28 21.62 -0.49 -14.59
N ILE B 29 21.43 -1.37 -15.57
CA ILE B 29 21.15 -2.76 -15.27
C ILE B 29 22.47 -3.41 -14.85
N LEU B 30 22.46 -4.07 -13.70
CA LEU B 30 23.63 -4.79 -13.21
C LEU B 30 23.47 -6.29 -13.45
N TYR B 31 24.59 -7.00 -13.45
CA TYR B 31 24.57 -8.44 -13.66
C TYR B 31 24.72 -9.20 -12.36
N SER B 32 24.21 -10.44 -12.33
CA SER B 32 24.39 -11.32 -11.18
C SER B 32 25.73 -12.04 -11.33
N GLU B 33 26.49 -12.16 -10.25
CA GLU B 33 27.71 -12.96 -10.32
C GLU B 33 27.31 -14.44 -10.21
N TYR B 34 26.22 -14.77 -10.90
CA TYR B 34 25.60 -16.08 -10.82
C TYR B 34 26.35 -17.10 -11.65
N ASP B 35 26.84 -18.13 -10.98
CA ASP B 35 27.63 -19.17 -11.62
C ASP B 35 26.72 -20.36 -11.95
N PRO B 36 26.40 -20.52 -13.25
CA PRO B 36 25.48 -21.57 -13.68
C PRO B 36 26.17 -22.93 -13.80
N THR B 37 27.23 -23.16 -13.05
CA THR B 37 27.93 -24.43 -13.17
C THR B 37 27.83 -25.26 -11.88
N ARG B 38 26.86 -24.93 -11.05
CA ARG B 38 26.62 -25.60 -9.77
C ARG B 38 25.28 -25.15 -9.16
N PRO B 39 24.52 -26.11 -8.61
CA PRO B 39 23.07 -26.05 -8.38
C PRO B 39 22.54 -24.90 -7.51
N PHE B 40 21.26 -24.62 -7.72
CA PHE B 40 20.51 -23.71 -6.87
C PHE B 40 20.18 -24.34 -5.53
N SER B 41 20.44 -23.59 -4.45
CA SER B 41 20.04 -24.01 -3.12
C SER B 41 19.44 -22.78 -2.44
N GLU B 42 18.68 -23.00 -1.36
CA GLU B 42 18.07 -21.90 -0.65
C GLU B 42 19.10 -20.83 -0.34
N ALA B 43 20.19 -21.23 0.31
CA ALA B 43 21.27 -20.32 0.63
C ALA B 43 21.83 -19.61 -0.62
N SER B 44 22.14 -20.39 -1.65
CA SER B 44 22.81 -19.81 -2.82
C SER B 44 21.92 -18.87 -3.63
N MET B 45 20.62 -19.14 -3.69
CA MET B 45 19.73 -18.20 -4.37
C MET B 45 19.58 -16.92 -3.55
N MET B 46 19.37 -17.08 -2.25
CA MET B 46 19.30 -15.93 -1.37
C MET B 46 20.59 -15.13 -1.50
N GLY B 47 21.71 -15.85 -1.61
CA GLY B 47 23.01 -15.23 -1.76
C GLY B 47 23.09 -14.37 -3.00
N LEU B 48 22.71 -14.94 -4.14
CA LEU B 48 22.69 -14.18 -5.38
C LEU B 48 21.72 -12.98 -5.33
N LEU B 49 20.54 -13.18 -4.74
CA LEU B 49 19.55 -12.10 -4.68
C LEU B 49 19.97 -10.94 -3.76
N THR B 50 20.52 -11.27 -2.59
CA THR B 50 20.88 -10.23 -1.64
C THR B 50 22.13 -9.51 -2.09
N ASN B 51 23.01 -10.26 -2.74
CA ASN B 51 24.17 -9.67 -3.36
C ASN B 51 23.74 -8.64 -4.40
N LEU B 52 22.86 -9.05 -5.31
CA LEU B 52 22.36 -8.13 -6.33
C LEU B 52 21.64 -6.94 -5.72
N ALA B 53 20.86 -7.19 -4.66
CA ALA B 53 20.12 -6.12 -3.99
C ALA B 53 21.07 -5.08 -3.40
N ASP B 54 22.15 -5.57 -2.81
CA ASP B 54 23.15 -4.71 -2.18
C ASP B 54 23.84 -3.75 -3.16
N ARG B 55 24.14 -4.24 -4.37
CA ARG B 55 24.80 -3.40 -5.36
C ARG B 55 23.80 -2.47 -6.07
N GLU B 56 22.61 -2.99 -6.36
CA GLU B 56 21.56 -2.12 -6.87
C GLU B 56 21.33 -0.96 -5.90
N LEU B 57 21.34 -1.26 -4.61
CA LEU B 57 21.20 -0.23 -3.59
C LEU B 57 22.12 0.97 -3.79
N VAL B 58 23.41 0.73 -4.01
CA VAL B 58 24.37 1.82 -4.19
C VAL B 58 23.90 2.78 -5.30
N HIS B 59 23.42 2.23 -6.41
CA HIS B 59 22.95 3.05 -7.52
C HIS B 59 21.60 3.71 -7.22
N MET B 60 20.78 3.05 -6.44
CA MET B 60 19.49 3.61 -6.07
C MET B 60 19.68 4.95 -5.37
N ILE B 61 20.70 5.01 -4.51
CA ILE B 61 20.97 6.21 -3.76
C ILE B 61 21.39 7.35 -4.67
N ASN B 62 22.33 7.07 -5.57
CA ASN B 62 22.71 8.02 -6.62
C ASN B 62 21.48 8.53 -7.38
N TRP B 63 20.61 7.60 -7.78
CA TRP B 63 19.38 7.94 -8.50
C TRP B 63 18.47 8.87 -7.70
N ALA B 64 18.29 8.56 -6.42
CA ALA B 64 17.40 9.33 -5.56
C ALA B 64 17.87 10.78 -5.48
N LYS B 65 19.18 10.97 -5.40
CA LYS B 65 19.74 12.32 -5.38
C LYS B 65 19.51 13.04 -6.71
N ARG B 66 19.01 12.30 -7.70
CA ARG B 66 18.73 12.86 -9.02
C ARG B 66 17.23 12.98 -9.30
N VAL B 67 16.40 12.61 -8.32
CA VAL B 67 14.96 12.87 -8.38
C VAL B 67 14.73 14.32 -7.96
N PRO B 68 14.11 15.11 -8.86
CA PRO B 68 13.86 16.53 -8.61
C PRO B 68 13.16 16.79 -7.27
N GLY B 69 13.81 17.55 -6.41
CA GLY B 69 13.20 17.98 -5.15
C GLY B 69 13.65 17.17 -3.94
N PHE B 70 14.36 16.08 -4.21
CA PHE B 70 14.78 15.17 -3.14
C PHE B 70 15.94 15.72 -2.35
N VAL B 71 16.96 16.23 -3.05
CA VAL B 71 18.16 16.73 -2.36
C VAL B 71 17.89 18.05 -1.66
N ASP B 72 16.67 18.57 -1.84
CA ASP B 72 16.22 19.75 -1.12
C ASP B 72 15.78 19.39 0.29
N LEU B 73 15.52 18.10 0.50
CA LEU B 73 15.17 17.60 1.81
C LEU B 73 16.43 17.52 2.65
N THR B 74 16.26 17.57 3.97
CA THR B 74 17.39 17.39 4.86
C THR B 74 17.78 15.92 4.85
N LEU B 75 19.04 15.63 5.17
CA LEU B 75 19.54 14.27 5.16
C LEU B 75 18.61 13.35 5.92
N HIS B 76 18.29 13.75 7.13
CA HIS B 76 17.46 12.95 8.02
C HIS B 76 16.12 12.56 7.38
N ASP B 77 15.60 13.42 6.51
CA ASP B 77 14.39 13.10 5.73
C ASP B 77 14.72 12.15 4.59
N GLN B 78 15.76 12.50 3.82
CA GLN B 78 16.24 11.66 2.73
C GLN B 78 16.47 10.24 3.22
N VAL B 79 17.16 10.11 4.35
CA VAL B 79 17.46 8.81 4.94
C VAL B 79 16.16 8.06 5.18
N HIS B 80 15.23 8.70 5.85
CA HIS B 80 13.96 8.09 6.19
C HIS B 80 13.19 7.61 4.96
N LEU B 81 13.19 8.42 3.90
CA LEU B 81 12.48 8.05 2.67
C LEU B 81 13.11 6.82 2.04
N LEU B 82 14.42 6.84 1.88
CA LEU B 82 15.09 5.69 1.27
C LEU B 82 14.88 4.45 2.11
N GLU B 83 15.14 4.58 3.40
CA GLU B 83 14.96 3.48 4.33
C GLU B 83 13.59 2.90 4.14
N CME B 84 12.64 3.78 3.89
CA CME B 84 11.24 3.37 3.86
CB CME B 84 10.36 4.50 4.43
SG CME B 84 8.84 3.86 5.20
SD CME B 84 9.91 2.52 6.32
CE CME B 84 10.37 3.34 7.89
CZ CME B 84 11.42 2.52 8.65
OH CME B 84 11.81 3.17 9.88
C CME B 84 10.78 2.74 2.52
O CME B 84 9.92 1.87 2.46
N ALA B 85 11.42 3.19 1.44
CA ALA B 85 11.03 2.86 0.07
C ALA B 85 11.94 1.85 -0.63
N TRP B 86 13.13 1.62 -0.09
CA TRP B 86 14.17 0.92 -0.85
C TRP B 86 13.70 -0.38 -1.51
N LEU B 87 12.89 -1.16 -0.81
CA LEU B 87 12.48 -2.46 -1.34
C LEU B 87 11.37 -2.33 -2.38
N GLU B 88 10.48 -1.36 -2.19
CA GLU B 88 9.45 -1.05 -3.16
C GLU B 88 10.08 -0.64 -4.48
N ILE B 89 11.07 0.26 -4.41
CA ILE B 89 11.84 0.66 -5.59
C ILE B 89 12.53 -0.52 -6.30
N LEU B 90 13.24 -1.36 -5.54
CA LEU B 90 13.83 -2.56 -6.13
C LEU B 90 12.74 -3.37 -6.82
N MET B 91 11.66 -3.65 -6.08
CA MET B 91 10.57 -4.45 -6.62
C MET B 91 9.99 -3.91 -7.92
N ILE B 92 9.67 -2.63 -7.97
CA ILE B 92 9.05 -2.08 -9.17
C ILE B 92 10.03 -2.04 -10.36
N GLY B 93 11.31 -1.77 -10.09
CA GLY B 93 12.33 -1.94 -11.11
C GLY B 93 12.28 -3.34 -11.67
N LEU B 94 12.34 -4.34 -10.78
CA LEU B 94 12.31 -5.73 -11.19
C LEU B 94 11.13 -6.05 -12.10
N VAL B 95 9.96 -5.57 -11.70
CA VAL B 95 8.73 -5.85 -12.41
C VAL B 95 8.74 -5.20 -13.79
N TRP B 96 9.25 -3.98 -13.86
CA TRP B 96 9.45 -3.33 -15.14
C TRP B 96 10.34 -4.17 -16.08
N ARG B 97 11.50 -4.60 -15.60
CA ARG B 97 12.44 -5.40 -16.40
C ARG B 97 11.82 -6.71 -16.88
N SER B 98 10.83 -7.20 -16.13
CA SER B 98 10.27 -8.51 -16.40
C SER B 98 9.02 -8.43 -17.27
N MET B 99 8.59 -7.22 -17.59
CA MET B 99 7.40 -7.02 -18.42
C MET B 99 7.23 -8.01 -19.59
N GLU B 100 8.01 -7.82 -20.66
CA GLU B 100 7.87 -8.63 -21.87
C GLU B 100 8.67 -9.94 -21.73
N HIS B 101 8.67 -10.50 -20.52
CA HIS B 101 9.14 -11.86 -20.29
C HIS B 101 8.07 -12.59 -19.49
N PRO B 102 6.98 -12.98 -20.16
CA PRO B 102 5.85 -13.58 -19.42
C PRO B 102 6.26 -14.78 -18.57
N GLY B 103 5.84 -14.78 -17.31
CA GLY B 103 6.05 -15.90 -16.41
C GLY B 103 7.40 -15.92 -15.72
N LYS B 104 8.22 -14.93 -16.01
CA LYS B 104 9.59 -14.94 -15.49
C LYS B 104 9.97 -13.62 -14.82
N LEU B 105 10.96 -13.67 -13.94
CA LEU B 105 11.44 -12.47 -13.26
C LEU B 105 12.89 -12.18 -13.66
N LEU B 106 13.09 -11.01 -14.24
CA LEU B 106 14.38 -10.62 -14.80
C LEU B 106 15.24 -9.89 -13.78
N PHE B 107 15.71 -10.60 -12.76
CA PHE B 107 16.51 -9.96 -11.72
C PHE B 107 17.76 -9.33 -12.33
N ALA B 108 18.29 -10.00 -13.35
CA ALA B 108 19.47 -9.51 -14.08
C ALA B 108 19.52 -10.19 -15.44
N PRO B 109 20.11 -9.53 -16.45
CA PRO B 109 20.12 -10.13 -17.78
C PRO B 109 20.57 -11.57 -17.74
N ASN B 110 21.45 -11.89 -16.80
CA ASN B 110 21.93 -13.25 -16.62
C ASN B 110 21.28 -13.96 -15.43
N LEU B 111 20.10 -13.50 -15.06
CA LEU B 111 19.35 -14.09 -13.96
C LEU B 111 17.84 -13.95 -14.17
N LEU B 112 17.32 -14.75 -15.11
CA LEU B 112 15.90 -14.92 -15.31
C LEU B 112 15.40 -16.10 -14.49
N LEU B 113 14.56 -15.82 -13.49
CA LEU B 113 13.99 -16.88 -12.67
C LEU B 113 12.49 -16.97 -12.88
N ASP B 114 11.99 -18.18 -13.13
CA ASP B 114 10.56 -18.40 -13.25
C ASP B 114 10.01 -18.91 -11.93
N ARG B 115 8.70 -18.78 -11.76
CA ARG B 115 8.03 -19.08 -10.49
C ARG B 115 8.54 -20.34 -9.76
N ASN B 116 8.83 -21.41 -10.50
CA ASN B 116 9.24 -22.67 -9.87
C ASN B 116 10.63 -22.63 -9.25
N GLN B 117 11.54 -21.91 -9.89
CA GLN B 117 12.86 -21.66 -9.33
C GLN B 117 12.68 -21.00 -7.97
N GLY B 118 11.60 -20.25 -7.83
CA GLY B 118 11.27 -19.55 -6.60
C GLY B 118 11.10 -20.49 -5.41
N LYS B 119 10.68 -21.72 -5.68
CA LYS B 119 10.48 -22.69 -4.62
C LYS B 119 11.79 -23.08 -3.97
N CME B 120 12.90 -22.81 -4.65
CA CME B 120 14.23 -23.19 -4.10
CB CME B 120 15.42 -22.81 -4.99
SG CME B 120 15.45 -23.44 -6.67
SD CME B 120 15.60 -25.45 -6.52
CE CME B 120 13.92 -26.09 -6.49
CZ CME B 120 13.18 -25.92 -7.82
OH CME B 120 11.87 -26.37 -7.74
C CME B 120 14.41 -22.56 -2.73
O CME B 120 15.21 -23.03 -1.95
N VAL B 121 13.70 -21.47 -2.48
CA VAL B 121 13.69 -20.85 -1.15
C VAL B 121 12.29 -20.81 -0.53
N GLU B 122 11.98 -21.78 0.31
CA GLU B 122 10.66 -21.86 0.91
C GLU B 122 10.30 -20.51 1.52
N GLY B 123 9.09 -20.04 1.21
CA GLY B 123 8.60 -18.77 1.71
C GLY B 123 8.70 -17.67 0.68
N MET B 124 9.36 -18.02 -0.42
CA MET B 124 9.66 -17.05 -1.48
C MET B 124 8.61 -17.08 -2.58
N VAL B 125 8.16 -18.27 -2.96
CA VAL B 125 7.31 -18.45 -4.15
C VAL B 125 6.04 -17.58 -4.16
N GLU B 126 5.51 -17.28 -2.98
CA GLU B 126 4.32 -16.44 -2.90
C GLU B 126 4.64 -14.97 -3.18
N ILE B 127 5.91 -14.60 -2.98
CA ILE B 127 6.35 -13.24 -3.33
C ILE B 127 6.66 -13.17 -4.82
N PHE B 128 7.26 -14.24 -5.34
CA PHE B 128 7.41 -14.36 -6.78
C PHE B 128 6.02 -14.26 -7.42
N ASP B 129 5.05 -14.95 -6.83
CA ASP B 129 3.68 -14.96 -7.37
C ASP B 129 3.10 -13.57 -7.50
N MET B 130 3.26 -12.75 -6.47
CA MET B 130 2.78 -11.39 -6.50
C MET B 130 3.58 -10.53 -7.49
N LEU B 131 4.89 -10.71 -7.51
CA LEU B 131 5.72 -9.94 -8.44
C LEU B 131 5.35 -10.22 -9.89
N LEU B 132 5.02 -11.47 -10.20
CA LEU B 132 4.61 -11.86 -11.54
C LEU B 132 3.21 -11.32 -11.87
N ALA B 133 2.32 -11.35 -10.89
CA ALA B 133 1.00 -10.76 -11.07
C ALA B 133 1.18 -9.30 -11.46
N THR B 134 2.04 -8.59 -10.75
CA THR B 134 2.28 -7.18 -11.01
C THR B 134 2.87 -6.96 -12.40
N SER B 135 3.69 -7.90 -12.86
CA SER B 135 4.29 -7.77 -14.19
C SER B 135 3.23 -7.89 -15.28
N SER B 136 2.32 -8.84 -15.12
CA SER B 136 1.23 -9.01 -16.08
C SER B 136 0.37 -7.75 -16.16
N ARG B 137 0.11 -7.14 -15.01
CA ARG B 137 -0.76 -5.96 -14.96
C ARG B 137 -0.15 -4.75 -15.67
N PHE B 138 1.14 -4.49 -15.44
CA PHE B 138 1.83 -3.45 -16.18
C PHE B 138 1.77 -3.77 -17.68
N ARG B 139 2.00 -5.04 -17.99
CA ARG B 139 2.05 -5.49 -19.38
C ARG B 139 0.74 -5.24 -20.09
N MET B 140 -0.36 -5.65 -19.47
CA MET B 140 -1.68 -5.58 -20.09
C MET B 140 -2.31 -4.19 -20.00
N MET B 141 -1.66 -3.29 -19.26
CA MET B 141 -2.04 -1.88 -19.26
C MET B 141 -1.00 -1.01 -19.95
N ASN B 142 -0.12 -1.66 -20.72
CA ASN B 142 0.86 -0.96 -21.56
C ASN B 142 1.72 0.09 -20.90
N LEU B 143 2.06 -0.11 -19.62
CA LEU B 143 2.90 0.87 -18.94
C LEU B 143 4.05 1.34 -19.82
N GLN B 144 4.30 2.65 -19.82
CA GLN B 144 5.38 3.25 -20.58
C GLN B 144 6.52 3.61 -19.65
N GLY B 145 7.71 3.78 -20.22
CA GLY B 145 8.89 4.14 -19.47
C GLY B 145 8.74 5.49 -18.80
N GLU B 146 8.13 6.45 -19.49
CA GLU B 146 7.90 7.77 -18.92
C GLU B 146 7.00 7.69 -17.69
N GLU B 147 6.04 6.78 -17.72
CA GLU B 147 5.13 6.56 -16.60
C GLU B 147 5.83 5.77 -15.50
N PHE B 148 6.72 4.87 -15.91
CA PHE B 148 7.44 4.03 -14.96
C PHE B 148 8.29 4.89 -14.05
N VAL B 149 9.07 5.79 -14.66
CA VAL B 149 10.02 6.60 -13.89
C VAL B 149 9.29 7.56 -12.95
N CYS B 150 8.03 7.87 -13.27
CA CYS B 150 7.21 8.75 -12.44
C CYS B 150 6.68 7.97 -11.24
N LEU B 151 6.13 6.80 -11.52
CA LEU B 151 5.66 5.90 -10.47
C LEU B 151 6.77 5.66 -9.48
N LYS B 152 7.96 5.36 -10.00
CA LYS B 152 9.12 5.04 -9.17
C LYS B 152 9.47 6.22 -8.26
N SER B 153 9.40 7.43 -8.80
CA SER B 153 9.68 8.63 -8.01
C SER B 153 8.58 8.89 -6.95
N ILE B 154 7.36 8.45 -7.26
CA ILE B 154 6.27 8.60 -6.30
C ILE B 154 6.51 7.70 -5.11
N ILE B 155 6.81 6.43 -5.38
CA ILE B 155 7.12 5.49 -4.30
C ILE B 155 8.21 6.04 -3.36
N LEU B 156 9.22 6.67 -3.92
CA LEU B 156 10.28 7.25 -3.11
C LEU B 156 9.75 8.30 -2.17
N LEU B 157 9.18 9.37 -2.73
CA LEU B 157 8.74 10.50 -1.93
C LEU B 157 7.53 10.18 -1.06
N ASN B 158 6.69 9.25 -1.54
CA ASN B 158 5.42 8.94 -0.87
C ASN B 158 5.52 7.95 0.29
N SER B 159 6.26 6.87 0.09
CA SER B 159 6.24 5.75 1.03
C SER B 159 6.71 6.07 2.45
N GLY B 160 7.39 7.19 2.64
CA GLY B 160 7.88 7.56 3.95
C GLY B 160 7.33 8.87 4.49
N VAL B 161 6.52 9.56 3.69
CA VAL B 161 6.09 10.91 4.01
C VAL B 161 5.11 10.99 5.19
N TYR B 162 4.36 9.91 5.43
CA TYR B 162 3.36 9.92 6.49
C TYR B 162 3.89 9.44 7.84
N THR B 163 5.10 8.87 7.83
CA THR B 163 5.77 8.48 9.07
C THR B 163 6.82 9.53 9.48
N PHE B 164 6.61 10.77 9.06
CA PHE B 164 7.39 11.92 9.54
C PHE B 164 6.73 12.56 10.75
N LEU B 165 6.78 11.88 11.89
CA LEU B 165 6.12 12.37 13.10
C LEU B 165 7.13 12.94 14.11
N LYS B 175 7.94 18.88 4.19
CA LYS B 175 6.68 18.30 4.60
C LYS B 175 5.59 18.58 3.56
N ASP B 176 5.29 19.85 3.32
CA ASP B 176 4.36 20.23 2.26
C ASP B 176 5.10 20.36 0.95
N HIS B 177 6.41 20.51 1.06
CA HIS B 177 7.31 20.58 -0.09
C HIS B 177 7.42 19.23 -0.78
N ILE B 178 7.22 18.16 -0.01
CA ILE B 178 7.24 16.82 -0.58
C ILE B 178 5.93 16.55 -1.32
N HIS B 179 4.85 17.07 -0.76
CA HIS B 179 3.53 17.01 -1.40
C HIS B 179 3.42 17.95 -2.61
N ARG B 180 4.10 19.09 -2.56
CA ARG B 180 4.21 19.94 -3.74
C ARG B 180 4.85 19.19 -4.90
N VAL B 181 5.96 18.51 -4.65
CA VAL B 181 6.64 17.79 -5.72
C VAL B 181 5.83 16.60 -6.20
N LEU B 182 5.19 15.89 -5.26
CA LEU B 182 4.29 14.81 -5.62
C LEU B 182 3.18 15.28 -6.59
N ASP B 183 2.58 16.43 -6.29
CA ASP B 183 1.61 17.04 -7.20
C ASP B 183 2.19 17.33 -8.58
N LYS B 184 3.42 17.85 -8.64
CA LYS B 184 4.06 18.16 -9.91
C LYS B 184 4.33 16.90 -10.73
N ILE B 185 4.42 15.76 -10.05
CA ILE B 185 4.61 14.49 -10.75
C ILE B 185 3.26 14.00 -11.26
N THR B 186 2.22 14.24 -10.48
CA THR B 186 0.86 13.94 -10.91
C THR B 186 0.59 14.71 -12.18
N ASP B 187 0.89 16.00 -12.15
CA ASP B 187 0.79 16.87 -13.33
C ASP B 187 1.54 16.34 -14.56
N THR B 188 2.71 15.75 -14.32
CA THR B 188 3.54 15.17 -15.39
C THR B 188 2.92 13.90 -15.97
N LEU B 189 2.33 13.08 -15.11
CA LEU B 189 1.71 11.83 -15.50
C LEU B 189 0.52 12.11 -16.43
N ILE B 190 -0.35 13.02 -16.00
CA ILE B 190 -1.47 13.47 -16.81
C ILE B 190 -1.00 14.01 -18.16
N HIS B 191 0.00 14.89 -18.12
CA HIS B 191 0.55 15.48 -19.34
C HIS B 191 0.93 14.40 -20.35
N LEU B 192 1.66 13.39 -19.87
CA LEU B 192 2.06 12.25 -20.68
C LEU B 192 0.86 11.51 -21.28
N MET B 193 -0.20 11.35 -20.50
CA MET B 193 -1.40 10.67 -20.99
C MET B 193 -2.12 11.49 -22.05
N ALA B 194 -2.25 12.80 -21.80
CA ALA B 194 -2.88 13.67 -22.78
C ALA B 194 -2.07 13.69 -24.07
N LYS B 195 -0.75 13.73 -23.94
CA LYS B 195 0.15 13.67 -25.10
C LYS B 195 0.00 12.36 -25.88
N ALA B 196 -0.20 11.25 -25.18
CA ALA B 196 -0.45 9.97 -25.84
C ALA B 196 -1.88 9.90 -26.38
N GLY B 197 -2.60 11.01 -26.26
CA GLY B 197 -3.94 11.12 -26.85
C GLY B 197 -5.05 10.43 -26.10
N LEU B 198 -4.91 10.24 -24.80
CA LEU B 198 -6.00 9.71 -23.99
C LEU B 198 -7.03 10.81 -23.74
N THR B 199 -8.31 10.45 -23.76
CA THR B 199 -9.38 11.39 -23.44
C THR B 199 -9.30 11.84 -21.99
N LEU B 200 -9.85 13.01 -21.70
CA LEU B 200 -9.82 13.58 -20.35
C LEU B 200 -10.12 12.54 -19.26
N GLN B 201 -11.21 11.80 -19.44
CA GLN B 201 -11.61 10.85 -18.42
C GLN B 201 -10.80 9.57 -18.47
N GLN B 202 -10.24 9.25 -19.62
CA GLN B 202 -9.29 8.15 -19.73
C GLN B 202 -8.03 8.50 -18.95
N GLN B 203 -7.70 9.79 -18.93
CA GLN B 203 -6.56 10.25 -18.16
C GLN B 203 -6.75 9.99 -16.66
N HIS B 204 -7.91 10.37 -16.11
CA HIS B 204 -8.10 10.21 -14.67
C HIS B 204 -8.33 8.74 -14.26
N GLN B 205 -8.96 7.97 -15.12
CA GLN B 205 -9.05 6.52 -14.89
C GLN B 205 -7.65 5.87 -14.84
N ARG B 206 -6.80 6.20 -15.80
CA ARG B 206 -5.50 5.57 -15.91
C ARG B 206 -4.59 5.98 -14.75
N LEU B 207 -4.66 7.24 -14.35
CA LEU B 207 -3.92 7.73 -13.19
C LEU B 207 -4.29 6.92 -11.94
N ALA B 208 -5.58 6.67 -11.77
CA ALA B 208 -6.06 5.89 -10.62
C ALA B 208 -5.59 4.44 -10.69
N GLN B 209 -5.69 3.83 -11.86
CA GLN B 209 -5.23 2.46 -12.06
C GLN B 209 -3.73 2.28 -11.73
N LEU B 210 -2.92 3.28 -12.08
CA LEU B 210 -1.48 3.23 -11.79
C LEU B 210 -1.20 3.43 -10.31
N LEU B 211 -1.90 4.38 -9.71
CA LEU B 211 -1.70 4.71 -8.30
C LEU B 211 -2.20 3.60 -7.39
N LEU B 212 -3.19 2.85 -7.86
CA LEU B 212 -3.77 1.77 -7.07
C LEU B 212 -2.83 0.58 -7.00
N ILE B 213 -2.02 0.41 -8.05
CA ILE B 213 -1.01 -0.66 -8.07
C ILE B 213 0.09 -0.45 -7.03
N LEU B 214 0.33 0.81 -6.66
CA LEU B 214 1.32 1.15 -5.64
C LEU B 214 0.94 0.61 -4.26
N SER B 215 -0.36 0.47 -4.02
CA SER B 215 -0.84 -0.17 -2.81
C SER B 215 -0.34 -1.62 -2.75
N HIS B 216 -0.38 -2.31 -3.89
CA HIS B 216 -0.01 -3.73 -3.94
C HIS B 216 1.52 -3.90 -3.89
N ILE B 217 2.26 -2.98 -4.51
CA ILE B 217 3.70 -2.93 -4.39
C ILE B 217 4.14 -2.70 -2.94
N ARG B 218 3.38 -1.87 -2.23
CA ARG B 218 3.63 -1.63 -0.82
C ARG B 218 3.42 -2.93 -0.06
N HIS B 219 2.35 -3.64 -0.41
CA HIS B 219 2.08 -4.94 0.18
C HIS B 219 3.24 -5.91 -0.04
N MET B 220 3.68 -6.04 -1.29
CA MET B 220 4.79 -6.93 -1.63
C MET B 220 6.04 -6.60 -0.81
N SER B 221 6.34 -5.31 -0.71
CA SER B 221 7.47 -4.84 0.08
C SER B 221 7.41 -5.32 1.52
N ASN B 222 6.23 -5.23 2.14
CA ASN B 222 6.07 -5.69 3.52
C ASN B 222 6.25 -7.19 3.67
N LYS B 223 5.75 -7.96 2.71
CA LYS B 223 5.96 -9.39 2.72
C LYS B 223 7.44 -9.71 2.47
N GLY B 224 8.04 -9.01 1.52
CA GLY B 224 9.43 -9.18 1.19
C GLY B 224 10.33 -8.83 2.35
N MET B 225 9.96 -7.79 3.11
CA MET B 225 10.74 -7.44 4.28
C MET B 225 10.68 -8.51 5.34
N GLU B 226 9.50 -9.12 5.52
CA GLU B 226 9.36 -10.12 6.55
C GLU B 226 10.09 -11.41 6.19
N HIS B 227 10.18 -11.69 4.89
CA HIS B 227 10.86 -12.88 4.42
C HIS B 227 12.37 -12.76 4.58
N LEU B 228 12.89 -11.58 4.26
CA LEU B 228 14.31 -11.29 4.36
C LEU B 228 14.73 -11.37 5.82
N TYR B 229 13.89 -10.85 6.69
CA TYR B 229 14.12 -10.91 8.14
C TYR B 229 14.17 -12.37 8.62
N SER B 230 13.31 -13.20 8.06
CA SER B 230 13.27 -14.62 8.42
C SER B 230 14.59 -15.27 8.01
N MET B 231 15.02 -15.02 6.77
CA MET B 231 16.28 -15.54 6.29
C MET B 231 17.43 -15.17 7.23
N LYS B 232 17.46 -13.91 7.65
CA LYS B 232 18.47 -13.46 8.59
C LYS B 232 18.44 -14.22 9.92
N CME B 233 17.26 -14.33 10.52
CA CME B 233 17.12 -14.92 11.86
CB CME B 233 15.75 -14.56 12.46
SG CME B 233 15.45 -12.76 12.55
SD CME B 233 16.73 -12.01 13.94
CE CME B 233 15.79 -12.09 15.51
CZ CME B 233 16.45 -11.33 16.67
OH CME B 233 16.54 -9.94 16.33
C CME B 233 17.26 -16.44 11.83
O CME B 233 17.09 -17.09 12.85
N LYS B 234 17.53 -16.99 10.66
CA LYS B 234 17.74 -18.42 10.50
C LYS B 234 19.13 -18.69 9.93
N ASN B 235 19.96 -17.64 9.89
CA ASN B 235 21.33 -17.74 9.38
C ASN B 235 21.45 -18.49 8.06
N VAL B 236 20.53 -18.21 7.13
CA VAL B 236 20.59 -18.89 5.84
C VAL B 236 21.58 -18.18 4.91
N VAL B 237 21.81 -16.90 5.17
CA VAL B 237 22.65 -16.10 4.31
C VAL B 237 23.17 -14.92 5.10
N PRO B 238 24.41 -14.50 4.82
CA PRO B 238 24.94 -13.28 5.44
C PRO B 238 24.30 -12.07 4.75
N LEU B 239 24.30 -10.93 5.42
CA LEU B 239 23.75 -9.72 4.82
C LEU B 239 24.71 -8.56 4.96
N SER B 240 25.02 -7.90 3.85
CA SER B 240 25.88 -6.72 3.89
C SER B 240 25.39 -5.77 4.96
N ASP B 241 26.31 -5.10 5.65
CA ASP B 241 25.94 -4.21 6.73
C ASP B 241 24.98 -3.13 6.25
N LEU B 242 25.01 -2.85 4.95
CA LEU B 242 24.08 -1.89 4.37
C LEU B 242 22.65 -2.43 4.45
N LEU B 243 22.44 -3.60 3.86
CA LEU B 243 21.17 -4.29 3.93
C LEU B 243 20.67 -4.46 5.36
N LEU B 244 21.58 -4.79 6.25
CA LEU B 244 21.23 -5.04 7.64
C LEU B 244 20.61 -3.77 8.24
N GLU B 245 21.09 -2.62 7.79
CA GLU B 245 20.62 -1.34 8.32
C GLU B 245 19.26 -0.96 7.71
N MET B 246 19.02 -1.38 6.46
CA MET B 246 17.72 -1.20 5.83
C MET B 246 16.66 -2.00 6.58
N LEU B 247 16.94 -3.27 6.85
CA LEU B 247 16.02 -4.11 7.60
C LEU B 247 15.73 -3.50 8.96
N ASP B 248 16.79 -3.10 9.66
CA ASP B 248 16.68 -2.54 11.01
C ASP B 248 15.78 -1.30 11.11
N ALA B 249 15.74 -0.50 10.05
CA ALA B 249 14.84 0.64 10.00
C ALA B 249 13.41 0.15 10.18
N HIS B 250 13.10 -0.96 9.52
CA HIS B 250 11.87 -1.70 9.74
C HIS B 250 12.06 -2.54 11.01
N ARG B 251 10.96 -3.03 11.57
CA ARG B 251 11.05 -3.90 12.76
C ARG B 251 10.07 -5.06 12.69
N LEU B 252 10.61 -6.27 12.82
CA LEU B 252 9.82 -7.49 12.64
C LEU B 252 9.88 -8.41 13.86
N HIS B 253 9.03 -9.42 13.83
CA HIS B 253 8.98 -10.43 14.89
C HIS B 253 9.44 -11.78 14.35
N HIS C 2 -16.18 -24.13 4.32
CA HIS C 2 -17.13 -24.03 5.42
C HIS C 2 -16.78 -22.86 6.34
N LYS C 3 -15.91 -21.98 5.86
CA LYS C 3 -15.52 -20.78 6.59
C LYS C 3 -16.75 -19.98 7.00
N ILE C 4 -16.77 -19.52 8.25
CA ILE C 4 -17.92 -18.76 8.73
C ILE C 4 -18.18 -17.49 7.92
N LEU C 5 -17.14 -16.98 7.26
CA LEU C 5 -17.30 -15.84 6.37
C LEU C 5 -18.18 -16.20 5.17
N HIS C 6 -17.91 -17.37 4.58
CA HIS C 6 -18.66 -17.80 3.40
C HIS C 6 -20.13 -17.99 3.73
N ARG C 7 -20.41 -18.41 4.95
CA ARG C 7 -21.78 -18.68 5.37
C ARG C 7 -22.50 -17.38 5.71
N LEU C 8 -21.74 -16.39 6.15
CA LEU C 8 -22.28 -15.06 6.42
C LEU C 8 -22.59 -14.35 5.11
N LEU C 9 -21.87 -14.70 4.06
CA LEU C 9 -22.07 -14.11 2.74
C LEU C 9 -23.28 -14.74 2.06
N GLN C 10 -23.47 -16.03 2.29
CA GLN C 10 -24.63 -16.73 1.74
C GLN C 10 -25.92 -16.26 2.42
N ASP C 11 -25.79 -15.88 3.68
CA ASP C 11 -26.89 -15.28 4.42
C ASP C 11 -26.70 -13.77 4.55
N LYS D 3 25.95 4.85 10.36
CA LYS D 3 24.95 4.67 9.32
C LYS D 3 25.60 4.72 7.94
N ILE D 4 25.72 3.56 7.30
CA ILE D 4 26.27 3.48 5.95
C ILE D 4 25.42 4.26 4.94
N LEU D 5 24.10 4.23 5.12
CA LEU D 5 23.21 4.96 4.24
C LEU D 5 23.47 6.47 4.31
N HIS D 6 23.66 6.97 5.52
CA HIS D 6 23.90 8.39 5.73
C HIS D 6 25.16 8.81 5.02
N ARG D 7 26.15 7.93 5.04
CA ARG D 7 27.44 8.20 4.42
C ARG D 7 27.28 8.24 2.90
N LEU D 8 26.72 7.17 2.34
CA LEU D 8 26.47 7.12 0.91
C LEU D 8 25.63 8.29 0.41
N LEU D 9 24.77 8.84 1.28
CA LEU D 9 23.87 9.92 0.87
C LEU D 9 24.56 11.27 0.67
N GLN D 10 25.79 11.40 1.17
CA GLN D 10 26.48 12.67 1.10
C GLN D 10 27.88 12.52 0.49
N ASP D 11 28.18 11.31 0.04
CA ASP D 11 29.43 11.04 -0.68
C ASP D 11 29.31 11.37 -2.16
C2 J3Z E . -8.19 -3.14 16.13
C4 J3Z E . -7.35 -5.39 17.05
C5 J3Z E . -6.30 -5.38 15.95
C6 J3Z E . -6.79 -6.11 14.71
O1 J3Z E . -4.71 -6.88 16.96
O3 J3Z E . -12.79 -0.37 14.36
C7 J3Z E . -4.93 -5.88 16.30
C8 J3Z E . -3.84 -5.05 15.67
C9 J3Z E . -4.61 -3.90 15.01
C10 J3Z E . -5.97 -3.93 15.70
C12 J3Z E . -7.13 -3.22 15.03
C3 J3Z E . -8.56 -4.54 16.61
C14 J3Z E . -6.76 -1.84 14.51
C15 J3Z E . -7.96 -0.99 14.07
C16 J3Z E . -9.29 -1.39 14.69
C21 J3Z E . -9.40 -2.40 15.64
C17 J3Z E . -10.45 -0.72 14.26
C18 J3Z E . -11.68 -1.04 14.79
C19 J3Z E . -11.79 -2.06 15.76
C20 J3Z E . -10.65 -2.73 16.18
C2 J3Z F . 14.91 -9.69 -3.80
C4 J3Z F . 15.73 -10.86 -1.64
C5 J3Z F . 14.43 -10.38 -0.99
C6 J3Z F . 14.62 -9.02 -0.34
O1 J3Z F . 14.33 -12.04 0.78
O3 J3Z F . 16.45 -6.27 -8.05
C7 J3Z F . 13.76 -11.32 -0.03
C8 J3Z F . 12.25 -11.20 -0.12
C9 J3Z F . 12.04 -10.34 -1.36
C10 J3Z F . 13.38 -10.33 -2.08
C12 J3Z F . 13.69 -9.20 -3.05
C3 J3Z F . 16.08 -9.96 -2.82
C14 J3Z F . 12.53 -8.94 -4.01
C15 J3Z F . 12.87 -8.08 -5.22
C16 J3Z F . 14.34 -8.02 -5.58
C21 J3Z F . 15.30 -8.77 -4.91
C17 J3Z F . 14.73 -7.17 -6.63
C18 J3Z F . 16.06 -7.10 -7.01
C19 J3Z F . 17.02 -7.85 -6.34
C20 J3Z F . 16.64 -8.69 -5.30
#